data_3EBN
#
_entry.id   3EBN
#
_cell.length_a   51.395
_cell.length_b   51.350
_cell.length_c   51.390
_cell.angle_alpha   112.22
_cell.angle_beta   112.00
_cell.angle_gamma   104.36
#
_symmetry.space_group_name_H-M   'P 1'
#
loop_
_entity.id
_entity.type
_entity.pdbx_description
1 polymer 'Replicase polyprotein 1ab'
2 water water
#
_entity_poly.entity_id   1
_entity_poly.type   'polypeptide(L)'
_entity_poly.pdbx_seq_one_letter_code
;QTAQAAGTDTTITLNVLAWLYAAVINGDRWFLNRFTTTLNDFNLVAMKYNYEPLTQDHVDILGPLSAQTGIAVLDMCAAL
KELLQNGMNGRTILGSTILEDEFTPFDVVRQCSGVTFQ
;
_entity_poly.pdbx_strand_id   A,B,C,D
#
# COMPACT_ATOMS: atom_id res chain seq x y z
N THR A 10 -1.89 -21.24 -6.42
CA THR A 10 -2.54 -20.07 -5.75
C THR A 10 -2.62 -20.28 -4.23
N THR A 11 -2.65 -19.17 -3.47
CA THR A 11 -2.77 -19.22 -2.01
C THR A 11 -4.26 -19.40 -1.67
N ILE A 12 -4.58 -20.47 -0.94
CA ILE A 12 -5.97 -20.74 -0.58
C ILE A 12 -6.43 -19.85 0.55
N THR A 13 -7.20 -18.81 0.19
CA THR A 13 -7.72 -17.86 1.16
C THR A 13 -8.49 -18.53 2.31
N LEU A 14 -9.37 -19.46 1.98
CA LEU A 14 -10.16 -20.18 2.99
C LEU A 14 -9.24 -20.75 4.06
N ASN A 15 -8.15 -21.39 3.64
CA ASN A 15 -7.20 -21.98 4.59
C ASN A 15 -6.50 -20.91 5.43
N VAL A 16 -6.10 -19.81 4.79
CA VAL A 16 -5.44 -18.72 5.51
C VAL A 16 -6.39 -18.19 6.59
N LEU A 17 -7.64 -17.96 6.23
CA LEU A 17 -8.62 -17.47 7.20
C LEU A 17 -8.82 -18.47 8.33
N ALA A 18 -8.85 -19.76 7.99
CA ALA A 18 -9.02 -20.80 9.00
C ALA A 18 -7.84 -20.75 9.99
N TRP A 19 -6.65 -20.52 9.44
CA TRP A 19 -5.45 -20.43 10.25
C TRP A 19 -5.55 -19.26 11.23
N LEU A 20 -5.91 -18.08 10.74
CA LEU A 20 -6.05 -16.91 11.62
C LEU A 20 -7.01 -17.21 12.78
N TYR A 21 -8.10 -17.91 12.48
CA TYR A 21 -9.05 -18.26 13.52
C TYR A 21 -8.36 -19.20 14.54
N ALA A 22 -7.50 -20.09 14.03
CA ALA A 22 -6.77 -21.02 14.88
C ALA A 22 -5.90 -20.20 15.80
N ALA A 23 -5.24 -19.20 15.21
CA ALA A 23 -4.37 -18.30 15.96
C ALA A 23 -5.14 -17.56 17.05
N VAL A 24 -6.36 -17.14 16.74
CA VAL A 24 -7.16 -16.43 17.74
C VAL A 24 -7.54 -17.40 18.85
N ILE A 25 -7.94 -18.60 18.45
CA ILE A 25 -8.32 -19.64 19.41
C ILE A 25 -7.16 -19.93 20.34
N ASN A 26 -5.93 -19.81 19.83
CA ASN A 26 -4.76 -20.06 20.66
C ASN A 26 -4.18 -18.84 21.38
N GLY A 27 -4.90 -17.72 21.36
CA GLY A 27 -4.44 -16.53 22.07
C GLY A 27 -3.98 -15.32 21.29
N ASP A 28 -3.90 -15.40 19.97
CA ASP A 28 -3.47 -14.25 19.18
C ASP A 28 -4.55 -13.18 19.12
N ARG A 29 -4.13 -11.92 19.11
CA ARG A 29 -5.07 -10.79 19.09
C ARG A 29 -4.59 -9.58 18.29
N TRP A 30 -3.28 -9.32 18.32
CA TRP A 30 -2.73 -8.15 17.66
C TRP A 30 -3.28 -7.80 16.29
N PHE A 31 -3.53 -8.80 15.44
CA PHE A 31 -4.04 -8.51 14.11
C PHE A 31 -5.53 -8.20 14.06
N LEU A 32 -6.15 -8.10 15.23
CA LEU A 32 -7.57 -7.78 15.33
C LEU A 32 -7.76 -6.35 15.84
N ASN A 33 -6.88 -5.93 16.74
CA ASN A 33 -6.92 -4.59 17.33
C ASN A 33 -6.15 -3.60 16.47
N ARG A 34 -6.01 -2.40 17.00
CA ARG A 34 -5.28 -1.33 16.34
C ARG A 34 -3.82 -1.75 16.21
N PHE A 35 -3.00 -0.84 15.68
CA PHE A 35 -1.56 -1.06 15.56
C PHE A 35 -1.01 0.30 15.93
N THR A 36 -0.49 0.48 17.15
CA THR A 36 0.05 1.78 17.49
C THR A 36 1.31 1.99 16.65
N THR A 37 2.07 3.05 16.90
CA THR A 37 3.25 3.29 16.09
C THR A 37 4.33 4.08 16.81
N THR A 38 5.53 4.02 16.24
CA THR A 38 6.74 4.70 16.73
C THR A 38 6.76 6.04 16.02
N LEU A 39 7.33 7.07 16.64
CA LEU A 39 7.42 8.36 15.98
C LEU A 39 8.27 8.17 14.72
N ASN A 40 9.18 7.20 14.80
CA ASN A 40 10.08 6.89 13.71
C ASN A 40 9.39 6.22 12.53
N ASP A 41 8.61 5.18 12.83
CA ASP A 41 7.88 4.45 11.82
C ASP A 41 6.86 5.34 11.14
N PHE A 42 6.22 6.18 11.94
CA PHE A 42 5.24 7.11 11.41
C PHE A 42 5.93 8.03 10.39
N ASN A 43 7.10 8.53 10.77
CA ASN A 43 7.82 9.43 9.86
C ASN A 43 8.30 8.79 8.58
N LEU A 44 8.59 7.49 8.62
CA LEU A 44 9.03 6.82 7.41
C LEU A 44 7.86 6.85 6.46
N VAL A 45 6.67 6.63 7.01
CA VAL A 45 5.44 6.61 6.23
C VAL A 45 5.09 8.03 5.77
N ALA A 46 5.20 8.99 6.68
CA ALA A 46 4.88 10.37 6.38
C ALA A 46 5.66 10.93 5.19
N MET A 47 6.97 10.67 5.19
CA MET A 47 7.84 11.15 4.12
C MET A 47 7.52 10.51 2.78
N LYS A 48 7.00 9.29 2.83
CA LYS A 48 6.62 8.54 1.64
C LYS A 48 5.55 9.35 0.91
N TYR A 49 4.76 10.11 1.67
CA TYR A 49 3.68 10.92 1.14
C TYR A 49 3.91 12.43 1.25
N ASN A 50 5.17 12.84 1.28
CA ASN A 50 5.51 14.25 1.36
C ASN A 50 4.92 15.04 2.52
N TYR A 51 4.81 14.40 3.68
CA TYR A 51 4.29 15.08 4.87
C TYR A 51 5.49 15.55 5.68
N GLU A 52 5.31 16.64 6.43
CA GLU A 52 6.35 17.19 7.31
C GLU A 52 6.70 16.09 8.29
N PRO A 53 8.00 15.89 8.60
CA PRO A 53 8.29 14.84 9.56
C PRO A 53 7.82 15.37 10.90
N LEU A 54 7.32 14.49 11.77
CA LEU A 54 6.84 14.91 13.07
C LEU A 54 8.01 14.87 14.06
N THR A 55 8.15 15.92 14.84
CA THR A 55 9.24 15.98 15.82
C THR A 55 8.72 15.67 17.22
N GLN A 56 9.64 15.43 18.15
CA GLN A 56 9.25 15.13 19.52
C GLN A 56 8.49 16.32 20.11
N ASP A 57 8.85 17.52 19.64
CA ASP A 57 8.17 18.73 20.11
C ASP A 57 6.72 18.70 19.66
N HIS A 58 6.51 18.39 18.38
CA HIS A 58 5.17 18.31 17.82
C HIS A 58 4.32 17.38 18.66
N VAL A 59 4.85 16.20 18.92
CA VAL A 59 4.19 15.19 19.72
C VAL A 59 3.81 15.73 21.10
N ASP A 60 4.75 16.41 21.74
CA ASP A 60 4.52 16.96 23.06
C ASP A 60 3.55 18.14 23.04
N ILE A 61 3.57 18.89 21.94
CA ILE A 61 2.68 20.04 21.77
C ILE A 61 1.22 19.59 21.65
N LEU A 62 1.00 18.37 21.18
CA LEU A 62 -0.36 17.83 21.04
C LEU A 62 -0.93 17.21 22.32
N GLY A 63 -0.15 17.24 23.39
CA GLY A 63 -0.61 16.69 24.65
C GLY A 63 -1.97 17.19 25.15
N PRO A 64 -2.27 18.49 25.03
CA PRO A 64 -3.58 18.99 25.49
C PRO A 64 -4.76 18.27 24.84
N LEU A 65 -4.69 18.12 23.53
CA LEU A 65 -5.73 17.46 22.75
C LEU A 65 -5.78 15.97 23.03
N SER A 66 -4.62 15.40 23.32
CA SER A 66 -4.56 13.98 23.63
C SER A 66 -5.23 13.74 24.99
N ALA A 67 -5.08 14.69 25.91
CA ALA A 67 -5.67 14.57 27.24
C ALA A 67 -7.16 14.79 27.20
N GLN A 68 -7.60 15.65 26.29
CA GLN A 68 -9.02 15.96 26.17
C GLN A 68 -9.82 14.84 25.51
N THR A 69 -9.15 14.02 24.70
CA THR A 69 -9.83 12.96 24.00
C THR A 69 -9.61 11.57 24.55
N GLY A 70 -8.51 11.39 25.28
CA GLY A 70 -8.23 10.09 25.86
C GLY A 70 -7.54 9.16 24.88
N ILE A 71 -7.08 9.71 23.77
CA ILE A 71 -6.39 8.90 22.79
C ILE A 71 -4.96 9.44 22.59
N ALA A 72 -3.98 8.62 22.96
CA ALA A 72 -2.57 8.97 22.85
C ALA A 72 -2.17 9.51 21.47
N VAL A 73 -1.17 10.37 21.44
CA VAL A 73 -0.71 10.97 20.21
C VAL A 73 -0.27 9.91 19.19
N LEU A 74 0.66 9.06 19.58
CA LEU A 74 1.16 8.02 18.69
C LEU A 74 0.05 7.09 18.18
N ASP A 75 -1.04 6.99 18.94
CA ASP A 75 -2.17 6.18 18.53
C ASP A 75 -2.89 6.94 17.42
N MET A 76 -2.98 8.26 17.55
CA MET A 76 -3.62 9.07 16.50
C MET A 76 -2.71 8.99 15.26
N CYS A 77 -1.40 8.94 15.51
CA CYS A 77 -0.42 8.84 14.42
C CYS A 77 -0.63 7.54 13.65
N ALA A 78 -0.88 6.45 14.36
CA ALA A 78 -1.12 5.16 13.70
C ALA A 78 -2.37 5.33 12.86
N ALA A 79 -3.39 5.99 13.41
CA ALA A 79 -4.62 6.22 12.66
C ALA A 79 -4.32 6.94 11.35
N LEU A 80 -3.50 7.99 11.43
CA LEU A 80 -3.10 8.77 10.26
C LEU A 80 -2.29 7.91 9.31
N LYS A 81 -1.34 7.17 9.88
CA LYS A 81 -0.48 6.27 9.08
C LYS A 81 -1.35 5.39 8.20
N GLU A 82 -2.38 4.82 8.81
CA GLU A 82 -3.33 3.95 8.14
C GLU A 82 -4.12 4.67 7.05
N LEU A 83 -4.57 5.90 7.33
CA LEU A 83 -5.33 6.68 6.35
C LEU A 83 -4.49 6.98 5.09
N LEU A 84 -3.21 7.27 5.29
CA LEU A 84 -2.33 7.58 4.18
C LEU A 84 -2.01 6.35 3.34
N GLN A 85 -1.80 5.22 3.99
CA GLN A 85 -1.49 4.00 3.27
C GLN A 85 -2.71 3.39 2.60
N ASN A 86 -3.84 3.37 3.30
CA ASN A 86 -5.01 2.74 2.73
C ASN A 86 -6.14 3.63 2.28
N GLY A 87 -6.00 4.94 2.47
CA GLY A 87 -7.03 5.85 2.04
C GLY A 87 -8.26 5.90 2.92
N MET A 88 -9.17 6.79 2.54
CA MET A 88 -10.41 7.00 3.28
C MET A 88 -11.58 6.21 2.69
N ASN A 89 -11.39 5.66 1.51
CA ASN A 89 -12.40 4.85 0.84
C ASN A 89 -13.81 5.40 0.75
N GLY A 90 -13.94 6.66 0.37
CA GLY A 90 -15.26 7.24 0.26
C GLY A 90 -15.76 7.80 1.58
N ARG A 91 -15.16 7.40 2.69
CA ARG A 91 -15.56 7.93 3.99
C ARG A 91 -15.01 9.34 4.11
N THR A 92 -15.64 10.16 4.93
CA THR A 92 -15.19 11.54 5.13
C THR A 92 -14.88 11.77 6.60
N ILE A 93 -14.18 12.87 6.90
CA ILE A 93 -13.86 13.24 8.27
C ILE A 93 -14.36 14.68 8.41
N LEU A 94 -15.26 14.91 9.38
CA LEU A 94 -15.85 16.23 9.56
C LEU A 94 -16.38 16.76 8.23
N GLY A 95 -17.03 15.88 7.47
CA GLY A 95 -17.59 16.26 6.18
C GLY A 95 -16.63 16.31 5.01
N SER A 96 -15.35 16.56 5.28
CA SER A 96 -14.34 16.65 4.23
C SER A 96 -13.92 15.30 3.63
N THR A 97 -13.57 15.32 2.35
CA THR A 97 -13.14 14.11 1.66
C THR A 97 -11.62 14.02 1.68
N ILE A 98 -10.98 15.06 2.21
CA ILE A 98 -9.53 15.10 2.30
C ILE A 98 -9.01 15.46 3.70
N LEU A 99 -7.75 15.13 3.95
CA LEU A 99 -7.13 15.40 5.25
C LEU A 99 -6.69 16.87 5.34
N GLU A 100 -7.43 17.66 6.10
CA GLU A 100 -7.15 19.09 6.26
C GLU A 100 -5.95 19.39 7.14
N ASP A 101 -5.07 20.26 6.64
CA ASP A 101 -3.89 20.66 7.40
C ASP A 101 -3.80 22.19 7.48
N GLU A 102 -4.94 22.86 7.38
CA GLU A 102 -4.95 24.31 7.46
C GLU A 102 -5.16 24.80 8.88
N PHE A 103 -5.58 23.91 9.77
CA PHE A 103 -5.82 24.28 11.15
C PHE A 103 -4.72 23.79 12.08
N THR A 104 -4.20 24.70 12.89
CA THR A 104 -3.14 24.36 13.82
C THR A 104 -3.74 23.83 15.12
N PRO A 105 -2.90 23.25 15.99
CA PRO A 105 -3.37 22.71 17.27
C PRO A 105 -4.11 23.76 18.08
N PHE A 106 -3.67 25.00 17.94
CA PHE A 106 -4.26 26.11 18.66
C PHE A 106 -5.57 26.59 18.05
N ASP A 107 -5.83 26.21 16.81
CA ASP A 107 -7.07 26.57 16.13
C ASP A 107 -8.17 25.65 16.66
N VAL A 108 -7.79 24.39 16.87
CA VAL A 108 -8.70 23.37 17.35
C VAL A 108 -9.06 23.55 18.83
N VAL A 109 -8.12 24.04 19.62
CA VAL A 109 -8.34 24.25 21.05
C VAL A 109 -9.27 25.42 21.33
N THR B 10 -14.49 16.80 -3.39
CA THR B 10 -13.70 15.66 -3.92
C THR B 10 -12.57 16.14 -4.85
N THR B 11 -11.54 15.30 -5.00
CA THR B 11 -10.39 15.60 -5.85
C THR B 11 -10.78 15.24 -7.28
N ILE B 12 -10.70 16.22 -8.19
CA ILE B 12 -11.07 15.99 -9.59
C ILE B 12 -9.94 15.26 -10.33
N THR B 13 -10.09 13.95 -10.46
CA THR B 13 -9.11 13.11 -11.12
C THR B 13 -8.69 13.64 -12.50
N LEU B 14 -9.67 14.05 -13.28
CA LEU B 14 -9.42 14.60 -14.62
C LEU B 14 -8.38 15.71 -14.54
N ASN B 15 -8.54 16.61 -13.57
CA ASN B 15 -7.59 17.71 -13.42
C ASN B 15 -6.20 17.25 -13.03
N VAL B 16 -6.13 16.27 -12.12
CA VAL B 16 -4.83 15.76 -11.71
C VAL B 16 -4.11 15.19 -12.94
N LEU B 17 -4.84 14.42 -13.75
CA LEU B 17 -4.22 13.86 -14.95
C LEU B 17 -3.72 14.96 -15.91
N ALA B 18 -4.51 16.01 -16.10
CA ALA B 18 -4.13 17.12 -16.98
C ALA B 18 -2.82 17.75 -16.50
N TRP B 19 -2.74 17.92 -15.19
CA TRP B 19 -1.58 18.50 -14.55
C TRP B 19 -0.36 17.61 -14.74
N LEU B 20 -0.54 16.29 -14.60
CA LEU B 20 0.57 15.37 -14.79
C LEU B 20 1.06 15.51 -16.23
N TYR B 21 0.11 15.64 -17.16
CA TYR B 21 0.48 15.82 -18.57
C TYR B 21 1.26 17.12 -18.70
N ALA B 22 0.82 18.17 -18.00
CA ALA B 22 1.50 19.46 -18.06
C ALA B 22 2.92 19.27 -17.54
N ALA B 23 3.08 18.46 -16.51
CA ALA B 23 4.40 18.19 -15.94
C ALA B 23 5.34 17.57 -16.99
N VAL B 24 4.79 16.68 -17.80
CA VAL B 24 5.57 16.01 -18.84
C VAL B 24 5.89 16.98 -19.97
N ILE B 25 4.92 17.81 -20.32
CA ILE B 25 5.12 18.79 -21.37
C ILE B 25 6.24 19.74 -20.93
N ASN B 26 6.40 19.88 -19.61
CA ASN B 26 7.42 20.76 -19.04
C ASN B 26 8.75 20.08 -18.69
N GLY B 27 8.91 18.81 -19.04
CA GLY B 27 10.17 18.13 -18.76
C GLY B 27 10.18 17.07 -17.68
N ASP B 28 9.07 16.86 -16.98
CA ASP B 28 9.05 15.84 -15.94
C ASP B 28 9.03 14.46 -16.57
N ARG B 29 9.67 13.49 -15.93
CA ARG B 29 9.73 12.13 -16.45
C ARG B 29 9.74 11.04 -15.37
N TRP B 30 10.28 11.36 -14.20
CA TRP B 30 10.41 10.36 -13.15
C TRP B 30 9.19 9.52 -12.83
N PHE B 31 8.00 10.13 -12.77
CA PHE B 31 6.81 9.36 -12.44
C PHE B 31 6.32 8.47 -13.57
N LEU B 32 6.98 8.55 -14.72
CA LEU B 32 6.64 7.72 -15.87
C LEU B 32 7.56 6.50 -15.86
N ASN B 33 8.72 6.68 -15.24
CA ASN B 33 9.73 5.62 -15.13
C ASN B 33 9.59 4.84 -13.83
N ARG B 34 10.31 3.74 -13.73
CA ARG B 34 10.31 2.93 -12.52
C ARG B 34 11.18 3.74 -11.56
N PHE B 35 11.79 3.04 -10.61
CA PHE B 35 12.67 3.69 -9.66
C PHE B 35 13.77 2.69 -9.38
N THR B 36 14.72 3.12 -8.58
CA THR B 36 15.79 2.27 -8.14
C THR B 36 15.54 2.52 -6.68
N THR B 37 16.32 1.93 -5.80
CA THR B 37 16.09 2.14 -4.38
C THR B 37 17.42 1.92 -3.70
N THR B 38 17.58 2.57 -2.56
CA THR B 38 18.79 2.43 -1.76
C THR B 38 18.59 1.09 -1.04
N LEU B 39 19.66 0.51 -0.52
CA LEU B 39 19.54 -0.75 0.21
C LEU B 39 18.69 -0.44 1.45
N ASN B 40 18.85 0.76 1.97
CA ASN B 40 18.12 1.19 3.16
C ASN B 40 16.61 1.17 2.96
N ASP B 41 16.14 1.98 2.01
CA ASP B 41 14.73 2.06 1.70
C ASP B 41 14.16 0.66 1.49
N PHE B 42 14.83 -0.13 0.67
CA PHE B 42 14.41 -1.49 0.39
C PHE B 42 14.17 -2.29 1.66
N ASN B 43 15.15 -2.25 2.56
CA ASN B 43 15.03 -2.98 3.81
C ASN B 43 13.88 -2.51 4.71
N LEU B 44 13.44 -1.25 4.55
CA LEU B 44 12.34 -0.76 5.37
C LEU B 44 11.07 -1.43 4.89
N VAL B 45 10.98 -1.63 3.58
CA VAL B 45 9.83 -2.28 2.98
C VAL B 45 9.91 -3.77 3.30
N ALA B 46 11.06 -4.35 2.97
CA ALA B 46 11.30 -5.77 3.19
C ALA B 46 10.91 -6.20 4.60
N MET B 47 11.24 -5.38 5.59
CA MET B 47 10.91 -5.69 6.97
C MET B 47 9.42 -5.63 7.28
N LYS B 48 8.66 -4.84 6.51
CA LYS B 48 7.22 -4.74 6.71
C LYS B 48 6.57 -6.09 6.39
N TYR B 49 7.17 -6.81 5.45
CA TYR B 49 6.63 -8.10 5.01
C TYR B 49 7.43 -9.31 5.49
N ASN B 50 8.11 -9.15 6.62
CA ASN B 50 8.91 -10.21 7.22
C ASN B 50 9.90 -10.86 6.27
N TYR B 51 10.59 -10.03 5.49
CA TYR B 51 11.60 -10.53 4.58
C TYR B 51 12.92 -10.27 5.30
N GLU B 52 13.91 -11.13 5.07
CA GLU B 52 15.22 -10.99 5.67
C GLU B 52 15.80 -9.65 5.22
N PRO B 53 16.49 -8.93 6.12
CA PRO B 53 17.05 -7.67 5.64
C PRO B 53 18.15 -8.02 4.64
N LEU B 54 18.32 -7.20 3.62
CA LEU B 54 19.35 -7.44 2.62
C LEU B 54 20.64 -6.73 3.01
N THR B 55 21.76 -7.44 3.01
CA THR B 55 23.03 -6.83 3.39
C THR B 55 23.91 -6.48 2.20
N GLN B 56 24.88 -5.61 2.44
CA GLN B 56 25.82 -5.19 1.41
C GLN B 56 26.46 -6.44 0.80
N ASP B 57 26.74 -7.43 1.63
CA ASP B 57 27.32 -8.66 1.14
C ASP B 57 26.35 -9.30 0.15
N HIS B 58 25.09 -9.43 0.53
CA HIS B 58 24.08 -10.01 -0.35
C HIS B 58 24.09 -9.31 -1.70
N VAL B 59 24.02 -7.98 -1.66
CA VAL B 59 24.03 -7.19 -2.88
C VAL B 59 25.25 -7.48 -3.75
N ASP B 60 26.41 -7.58 -3.10
CA ASP B 60 27.65 -7.85 -3.81
C ASP B 60 27.73 -9.31 -4.28
N ILE B 61 27.02 -10.19 -3.59
CA ILE B 61 26.96 -11.60 -3.93
C ILE B 61 26.15 -11.80 -5.22
N LEU B 62 25.20 -10.91 -5.47
CA LEU B 62 24.36 -11.00 -6.66
C LEU B 62 24.95 -10.36 -7.91
N GLY B 63 26.16 -9.81 -7.79
CA GLY B 63 26.80 -9.19 -8.93
C GLY B 63 26.88 -10.05 -10.19
N PRO B 64 27.18 -11.36 -10.07
CA PRO B 64 27.25 -12.22 -11.25
C PRO B 64 25.97 -12.21 -12.07
N LEU B 65 24.84 -12.45 -11.41
CA LEU B 65 23.53 -12.48 -12.06
C LEU B 65 23.17 -11.12 -12.64
N SER B 66 23.68 -10.07 -12.01
CA SER B 66 23.42 -8.72 -12.44
C SER B 66 24.20 -8.41 -13.73
N ALA B 67 25.41 -8.97 -13.84
CA ALA B 67 26.22 -8.74 -15.00
C ALA B 67 25.65 -9.50 -16.18
N GLN B 68 25.15 -10.70 -15.92
CA GLN B 68 24.60 -11.53 -16.97
C GLN B 68 23.34 -10.92 -17.57
N THR B 69 22.47 -10.38 -16.72
CA THR B 69 21.20 -9.81 -17.14
C THR B 69 21.22 -8.36 -17.52
N GLY B 70 22.16 -7.61 -16.97
CA GLY B 70 22.25 -6.19 -17.26
C GLY B 70 21.37 -5.38 -16.33
N ILE B 71 20.78 -6.04 -15.34
CA ILE B 71 19.92 -5.36 -14.39
C ILE B 71 20.62 -5.12 -13.05
N ALA B 72 20.95 -3.86 -12.76
CA ALA B 72 21.60 -3.51 -11.50
C ALA B 72 20.79 -4.14 -10.37
N VAL B 73 21.50 -4.62 -9.35
CA VAL B 73 20.86 -5.25 -8.21
C VAL B 73 19.83 -4.35 -7.51
N LEU B 74 20.20 -3.10 -7.27
CA LEU B 74 19.26 -2.18 -6.62
C LEU B 74 18.01 -1.91 -7.48
N ASP B 75 18.14 -2.14 -8.79
CA ASP B 75 17.01 -1.96 -9.68
C ASP B 75 16.11 -3.20 -9.54
N MET B 76 16.72 -4.36 -9.34
CA MET B 76 15.94 -5.58 -9.15
C MET B 76 15.28 -5.50 -7.78
N CYS B 77 15.94 -4.82 -6.85
CA CYS B 77 15.41 -4.63 -5.50
C CYS B 77 14.18 -3.72 -5.55
N ALA B 78 14.18 -2.76 -6.46
CA ALA B 78 13.06 -1.84 -6.60
C ALA B 78 11.87 -2.59 -7.19
N ALA B 79 12.18 -3.53 -8.09
CA ALA B 79 11.14 -4.33 -8.72
C ALA B 79 10.50 -5.21 -7.66
N LEU B 80 11.31 -5.71 -6.73
CA LEU B 80 10.82 -6.56 -5.66
C LEU B 80 9.97 -5.72 -4.71
N LYS B 81 10.46 -4.52 -4.43
CA LYS B 81 9.76 -3.59 -3.54
C LYS B 81 8.34 -3.32 -4.07
N GLU B 82 8.23 -3.17 -5.38
CA GLU B 82 6.94 -2.92 -6.04
C GLU B 82 5.99 -4.10 -5.89
N LEU B 83 6.50 -5.31 -6.18
CA LEU B 83 5.72 -6.53 -6.08
C LEU B 83 5.19 -6.74 -4.65
N LEU B 84 6.06 -6.55 -3.67
CA LEU B 84 5.68 -6.72 -2.28
C LEU B 84 4.58 -5.76 -1.88
N GLN B 85 4.70 -4.51 -2.32
CA GLN B 85 3.72 -3.49 -1.99
C GLN B 85 2.47 -3.51 -2.84
N ASN B 86 2.63 -3.74 -4.14
CA ASN B 86 1.49 -3.73 -5.04
C ASN B 86 0.97 -5.08 -5.47
N GLY B 87 1.70 -6.15 -5.15
CA GLY B 87 1.24 -7.47 -5.52
C GLY B 87 1.50 -7.81 -6.98
N MET B 88 1.23 -9.06 -7.33
CA MET B 88 1.44 -9.54 -8.68
C MET B 88 0.17 -9.46 -9.53
N ASN B 89 -0.94 -9.06 -8.91
CA ASN B 89 -2.23 -8.89 -9.58
C ASN B 89 -2.64 -9.93 -10.62
N GLY B 90 -2.61 -11.21 -10.29
CA GLY B 90 -3.02 -12.22 -11.24
C GLY B 90 -1.89 -12.73 -12.10
N ARG B 91 -0.83 -11.94 -12.21
CA ARG B 91 0.33 -12.34 -13.01
C ARG B 91 1.24 -13.30 -12.26
N THR B 92 1.91 -14.16 -13.00
CA THR B 92 2.83 -15.11 -12.38
C THR B 92 4.26 -14.76 -12.77
N ILE B 93 5.19 -15.54 -12.24
CA ILE B 93 6.61 -15.38 -12.55
C ILE B 93 7.10 -16.81 -12.72
N LEU B 94 7.58 -17.12 -13.92
CA LEU B 94 8.05 -18.47 -14.22
C LEU B 94 6.91 -19.44 -13.91
N GLY B 95 5.68 -19.02 -14.21
CA GLY B 95 4.52 -19.86 -13.97
C GLY B 95 3.97 -19.84 -12.55
N SER B 96 4.80 -19.47 -11.59
CA SER B 96 4.42 -19.43 -10.18
C SER B 96 3.59 -18.20 -9.77
N THR B 97 2.60 -18.41 -8.92
CA THR B 97 1.75 -17.32 -8.46
C THR B 97 2.37 -16.70 -7.23
N ILE B 98 3.44 -17.33 -6.75
CA ILE B 98 4.13 -16.89 -5.54
C ILE B 98 5.59 -16.56 -5.77
N LEU B 99 6.15 -15.68 -4.95
CA LEU B 99 7.57 -15.32 -5.05
C LEU B 99 8.38 -16.42 -4.38
N GLU B 100 9.07 -17.22 -5.20
CA GLU B 100 9.89 -18.32 -4.73
C GLU B 100 11.14 -17.86 -3.97
N ASP B 101 11.40 -18.48 -2.82
CA ASP B 101 12.58 -18.14 -2.03
C ASP B 101 13.42 -19.39 -1.71
N GLU B 102 13.04 -20.52 -2.30
CA GLU B 102 13.76 -21.76 -2.05
C GLU B 102 15.04 -21.95 -2.88
N PHE B 103 15.28 -21.06 -3.85
CA PHE B 103 16.48 -21.15 -4.68
C PHE B 103 17.51 -20.07 -4.37
N THR B 104 18.76 -20.48 -4.15
CA THR B 104 19.84 -19.54 -3.85
C THR B 104 20.54 -19.10 -5.15
N PRO B 105 21.37 -18.06 -5.07
CA PRO B 105 22.09 -17.58 -6.26
C PRO B 105 22.86 -18.74 -6.89
N PHE B 106 23.44 -19.58 -6.02
CA PHE B 106 24.19 -20.74 -6.43
C PHE B 106 23.31 -21.61 -7.33
N ASP B 107 22.04 -21.74 -6.95
CA ASP B 107 21.06 -22.54 -7.69
C ASP B 107 20.80 -21.99 -9.10
N VAL B 108 20.63 -20.68 -9.21
CA VAL B 108 20.33 -20.05 -10.49
C VAL B 108 21.47 -20.05 -11.51
N VAL B 109 22.66 -19.66 -11.07
CA VAL B 109 23.85 -19.61 -11.92
C VAL B 109 24.04 -20.83 -12.83
N THR C 10 4.58 21.76 1.59
CA THR C 10 4.48 20.43 2.24
C THR C 10 3.27 20.38 3.18
N THR C 11 2.75 19.18 3.43
CA THR C 11 1.60 19.00 4.32
C THR C 11 2.06 19.00 5.77
N ILE C 12 1.56 19.96 6.55
CA ILE C 12 1.93 20.07 7.94
C ILE C 12 1.25 18.98 8.77
N THR C 13 1.99 17.91 9.05
CA THR C 13 1.48 16.80 9.83
C THR C 13 0.88 17.21 11.18
N LEU C 14 1.50 18.18 11.85
CA LEU C 14 1.02 18.65 13.13
C LEU C 14 -0.42 19.12 13.01
N ASN C 15 -0.72 19.86 11.95
CA ASN C 15 -2.07 20.35 11.72
C ASN C 15 -3.05 19.25 11.41
N VAL C 16 -2.66 18.34 10.52
CA VAL C 16 -3.54 17.22 10.17
C VAL C 16 -3.92 16.46 11.45
N LEU C 17 -2.95 16.19 12.30
CA LEU C 17 -3.21 15.49 13.56
C LEU C 17 -4.16 16.29 14.45
N ALA C 18 -3.95 17.60 14.49
CA ALA C 18 -4.79 18.48 15.29
C ALA C 18 -6.22 18.38 14.79
N TRP C 19 -6.36 18.33 13.47
CA TRP C 19 -7.67 18.23 12.84
C TRP C 19 -8.34 16.90 13.19
N LEU C 20 -7.61 15.80 13.13
CA LEU C 20 -8.17 14.50 13.47
C LEU C 20 -8.69 14.55 14.92
N TYR C 21 -7.94 15.19 15.80
CA TYR C 21 -8.37 15.34 17.18
C TYR C 21 -9.68 16.14 17.26
N ALA C 22 -9.83 17.13 16.39
CA ALA C 22 -11.03 17.96 16.38
C ALA C 22 -12.18 17.08 15.90
N ALA C 23 -11.90 16.21 14.95
CA ALA C 23 -12.94 15.32 14.41
C ALA C 23 -13.44 14.42 15.53
N VAL C 24 -12.52 13.89 16.33
CA VAL C 24 -12.92 13.03 17.44
C VAL C 24 -13.71 13.84 18.47
N ILE C 25 -13.21 15.03 18.79
CA ILE C 25 -13.91 15.89 19.74
C ILE C 25 -15.33 16.14 19.23
N ASN C 26 -15.48 16.26 17.92
CA ASN C 26 -16.81 16.50 17.34
C ASN C 26 -17.62 15.25 17.00
N GLY C 27 -17.16 14.07 17.40
CA GLY C 27 -17.93 12.86 17.14
C GLY C 27 -17.38 11.76 16.23
N ASP C 28 -16.29 12.02 15.52
CA ASP C 28 -15.75 10.99 14.64
C ASP C 28 -15.09 9.84 15.41
N ARG C 29 -15.21 8.63 14.90
CA ARG C 29 -14.63 7.45 15.54
C ARG C 29 -14.11 6.38 14.57
N TRP C 30 -14.67 6.33 13.37
CA TRP C 30 -14.30 5.30 12.43
C TRP C 30 -12.81 5.14 12.14
N PHE C 31 -12.08 6.23 12.03
CA PHE C 31 -10.66 6.10 11.72
C PHE C 31 -9.83 5.60 12.90
N LEU C 32 -10.49 5.35 14.03
CA LEU C 32 -9.82 4.86 15.22
C LEU C 32 -10.07 3.36 15.40
N ASN C 33 -11.18 2.87 14.84
CA ASN C 33 -11.54 1.46 14.93
C ASN C 33 -11.12 0.69 13.68
N ARG C 34 -11.26 -0.64 13.71
CA ARG C 34 -10.92 -1.44 12.54
C ARG C 34 -12.09 -1.24 11.59
N PHE C 35 -11.81 -1.22 10.29
CA PHE C 35 -12.83 -0.94 9.29
C PHE C 35 -13.83 -1.99 8.80
N THR C 36 -13.46 -3.27 8.84
CA THR C 36 -14.27 -4.39 8.34
C THR C 36 -14.30 -4.29 6.81
N THR C 37 -15.06 -5.15 6.15
CA THR C 37 -15.11 -5.13 4.69
C THR C 37 -16.20 -6.04 4.16
N THR C 38 -16.47 -5.92 2.87
CA THR C 38 -17.47 -6.73 2.20
C THR C 38 -16.71 -7.82 1.46
N LEU C 39 -17.41 -8.88 1.05
CA LEU C 39 -16.77 -9.98 0.33
C LEU C 39 -16.07 -9.43 -0.90
N ASN C 40 -16.81 -8.67 -1.69
CA ASN C 40 -16.26 -8.10 -2.91
C ASN C 40 -15.03 -7.24 -2.74
N ASP C 41 -15.04 -6.35 -1.74
CA ASP C 41 -13.88 -5.49 -1.51
C ASP C 41 -12.69 -6.36 -1.14
N PHE C 42 -12.93 -7.34 -0.28
CA PHE C 42 -11.87 -8.24 0.14
C PHE C 42 -11.21 -8.90 -1.06
N ASN C 43 -12.03 -9.43 -1.97
CA ASN C 43 -11.51 -10.10 -3.14
C ASN C 43 -10.68 -9.21 -4.07
N LEU C 44 -11.03 -7.93 -4.16
CA LEU C 44 -10.26 -7.01 -4.99
C LEU C 44 -8.84 -7.01 -4.48
N VAL C 45 -8.69 -7.06 -3.15
CA VAL C 45 -7.38 -7.09 -2.52
C VAL C 45 -6.78 -8.49 -2.65
N ALA C 46 -7.59 -9.49 -2.32
CA ALA C 46 -7.14 -10.88 -2.41
C ALA C 46 -6.50 -11.14 -3.76
N MET C 47 -7.06 -10.56 -4.81
CA MET C 47 -6.54 -10.75 -6.15
C MET C 47 -5.26 -9.99 -6.49
N LYS C 48 -5.06 -8.82 -5.88
CA LYS C 48 -3.85 -8.05 -6.14
C LYS C 48 -2.64 -8.86 -5.69
N TYR C 49 -2.85 -9.72 -4.70
CA TYR C 49 -1.80 -10.56 -4.15
C TYR C 49 -1.91 -12.04 -4.53
N ASN C 50 -2.59 -12.32 -5.62
CA ASN C 50 -2.73 -13.69 -6.10
C ASN C 50 -3.34 -14.68 -5.10
N TYR C 51 -4.36 -14.25 -4.38
CA TYR C 51 -5.04 -15.12 -3.44
C TYR C 51 -6.30 -15.59 -4.13
N GLU C 52 -6.63 -16.86 -3.92
CA GLU C 52 -7.83 -17.47 -4.48
C GLU C 52 -9.02 -16.60 -4.04
N PRO C 53 -9.93 -16.25 -4.96
CA PRO C 53 -11.07 -15.41 -4.54
C PRO C 53 -11.93 -16.19 -3.55
N LEU C 54 -12.48 -15.48 -2.58
CA LEU C 54 -13.33 -16.08 -1.55
C LEU C 54 -14.79 -16.05 -1.98
N THR C 55 -15.43 -17.21 -1.99
CA THR C 55 -16.83 -17.32 -2.39
C THR C 55 -17.75 -17.21 -1.18
N GLN C 56 -19.04 -17.03 -1.45
CA GLN C 56 -20.04 -16.95 -0.38
C GLN C 56 -20.04 -18.27 0.38
N ASP C 57 -19.77 -19.34 -0.36
CA ASP C 57 -19.74 -20.66 0.25
C ASP C 57 -18.64 -20.66 1.30
N HIS C 58 -17.45 -20.23 0.90
CA HIS C 58 -16.31 -20.17 1.81
C HIS C 58 -16.70 -19.43 3.08
N VAL C 59 -17.27 -18.25 2.91
CA VAL C 59 -17.71 -17.42 4.02
C VAL C 59 -18.63 -18.20 4.94
N ASP C 60 -19.61 -18.88 4.34
CA ASP C 60 -20.57 -19.66 5.10
C ASP C 60 -19.95 -20.89 5.76
N ILE C 61 -18.93 -21.46 5.11
CA ILE C 61 -18.21 -22.63 5.60
C ILE C 61 -17.35 -22.32 6.84
N LEU C 62 -17.03 -21.05 7.03
CA LEU C 62 -16.22 -20.64 8.18
C LEU C 62 -17.06 -20.27 9.42
N GLY C 63 -18.37 -20.34 9.29
CA GLY C 63 -19.25 -20.03 10.41
C GLY C 63 -18.93 -20.71 11.74
N PRO C 64 -18.59 -22.02 11.74
CA PRO C 64 -18.28 -22.70 13.01
C PRO C 64 -17.17 -22.00 13.78
N LEU C 65 -16.10 -21.65 13.07
CA LEU C 65 -14.96 -20.97 13.67
C LEU C 65 -15.33 -19.55 14.08
N SER C 66 -16.23 -18.93 13.34
CA SER C 66 -16.67 -17.58 13.68
C SER C 66 -17.51 -17.60 14.96
N ALA C 67 -18.34 -18.64 15.11
CA ALA C 67 -19.19 -18.76 16.29
C ALA C 67 -18.36 -19.08 17.51
N GLN C 68 -17.32 -19.88 17.31
CA GLN C 68 -16.45 -20.28 18.40
C GLN C 68 -15.57 -19.13 18.91
N THR C 69 -15.23 -18.20 18.03
CA THR C 69 -14.37 -17.09 18.43
C THR C 69 -15.10 -15.79 18.71
N GLY C 70 -16.27 -15.62 18.10
CA GLY C 70 -17.02 -14.40 18.29
C GLY C 70 -16.57 -13.34 17.30
N ILE C 71 -15.72 -13.75 16.37
CA ILE C 71 -15.21 -12.84 15.34
C ILE C 71 -15.91 -13.10 14.01
N ALA C 72 -16.77 -12.18 13.60
CA ALA C 72 -17.49 -12.29 12.34
C ALA C 72 -16.48 -12.61 11.23
N VAL C 73 -16.86 -13.45 10.29
CA VAL C 73 -15.98 -13.85 9.20
C VAL C 73 -15.46 -12.66 8.40
N LEU C 74 -16.36 -11.76 8.02
CA LEU C 74 -15.97 -10.59 7.25
C LEU C 74 -15.02 -9.70 8.05
N ASP C 75 -15.13 -9.76 9.37
CA ASP C 75 -14.25 -8.99 10.24
C ASP C 75 -12.85 -9.61 10.18
N MET C 76 -12.79 -10.92 10.04
CA MET C 76 -11.50 -11.62 9.93
C MET C 76 -10.90 -11.29 8.55
N CYS C 77 -11.78 -11.08 7.57
CA CYS C 77 -11.36 -10.74 6.22
C CYS C 77 -10.70 -9.37 6.18
N ALA C 78 -11.22 -8.45 6.98
CA ALA C 78 -10.68 -7.09 7.06
C ALA C 78 -9.29 -7.19 7.69
N ALA C 79 -9.15 -8.12 8.62
CA ALA C 79 -7.88 -8.34 9.28
C ALA C 79 -6.87 -8.85 8.25
N LEU C 80 -7.26 -9.86 7.46
CA LEU C 80 -6.39 -10.44 6.44
C LEU C 80 -6.04 -9.35 5.43
N LYS C 81 -7.07 -8.62 4.99
CA LYS C 81 -6.89 -7.54 4.02
C LYS C 81 -5.78 -6.62 4.48
N GLU C 82 -5.80 -6.28 5.77
CA GLU C 82 -4.80 -5.41 6.39
C GLU C 82 -3.39 -6.00 6.36
N LEU C 83 -3.27 -7.26 6.76
CA LEU C 83 -1.98 -7.94 6.77
C LEU C 83 -1.40 -7.98 5.35
N LEU C 84 -2.26 -8.19 4.37
CA LEU C 84 -1.81 -8.26 2.99
C LEU C 84 -1.30 -6.92 2.50
N GLN C 85 -1.98 -5.83 2.89
CA GLN C 85 -1.55 -4.51 2.45
C GLN C 85 -0.43 -3.92 3.29
N ASN C 86 -0.49 -4.08 4.60
CA ASN C 86 0.54 -3.48 5.45
C ASN C 86 1.63 -4.41 5.95
N GLY C 87 1.49 -5.71 5.71
CA GLY C 87 2.51 -6.64 6.16
C GLY C 87 2.39 -6.94 7.64
N MET C 88 3.25 -7.84 8.12
CA MET C 88 3.23 -8.23 9.52
C MET C 88 4.23 -7.44 10.37
N ASN C 89 5.13 -6.72 9.71
CA ASN C 89 6.14 -5.89 10.37
C ASN C 89 6.97 -6.54 11.49
N GLY C 90 7.56 -7.69 11.20
CA GLY C 90 8.38 -8.34 12.21
C GLY C 90 7.56 -9.19 13.18
N ARG C 91 6.27 -8.89 13.29
CA ARG C 91 5.39 -9.67 14.16
C ARG C 91 5.10 -11.03 13.53
N THR C 92 4.81 -12.02 14.37
CA THR C 92 4.51 -13.36 13.89
C THR C 92 3.08 -13.74 14.26
N ILE C 93 2.63 -14.89 13.75
CA ILE C 93 1.29 -15.40 14.04
C ILE C 93 1.47 -16.88 14.37
N LEU C 94 1.15 -17.27 15.60
CA LEU C 94 1.34 -18.65 16.02
C LEU C 94 2.80 -19.00 15.74
N GLY C 95 3.69 -18.06 16.05
CA GLY C 95 5.11 -18.27 15.87
C GLY C 95 5.65 -18.18 14.45
N SER C 96 4.76 -18.01 13.47
CA SER C 96 5.17 -17.94 12.07
C SER C 96 5.30 -16.52 11.50
N THR C 97 6.30 -16.33 10.65
CA THR C 97 6.55 -15.04 10.03
C THR C 97 5.77 -14.96 8.73
N ILE C 98 5.10 -16.05 8.39
CA ILE C 98 4.34 -16.16 7.15
C ILE C 98 2.90 -16.61 7.38
N LEU C 99 2.00 -16.21 6.48
CA LEU C 99 0.59 -16.58 6.56
C LEU C 99 0.42 -17.99 6.02
N GLU C 100 0.14 -18.94 6.90
CA GLU C 100 -0.04 -20.34 6.50
C GLU C 100 -1.36 -20.59 5.76
N ASP C 101 -1.29 -21.35 4.67
CA ASP C 101 -2.49 -21.68 3.89
C ASP C 101 -2.57 -23.19 3.69
N GLU C 102 -1.72 -23.94 4.37
CA GLU C 102 -1.73 -25.38 4.20
C GLU C 102 -2.72 -26.12 5.10
N PHE C 103 -3.40 -25.39 5.99
CA PHE C 103 -4.37 -26.01 6.88
C PHE C 103 -5.78 -25.56 6.50
N THR C 104 -6.70 -26.51 6.41
CA THR C 104 -8.07 -26.20 6.03
C THR C 104 -8.96 -25.99 7.26
N PRO C 105 -10.20 -25.52 7.05
CA PRO C 105 -11.12 -25.28 8.16
C PRO C 105 -11.25 -26.56 8.97
N PHE C 106 -11.56 -27.65 8.28
CA PHE C 106 -11.70 -28.96 8.90
C PHE C 106 -10.46 -29.31 9.73
N ASP C 107 -9.29 -28.85 9.28
CA ASP C 107 -8.03 -29.10 10.00
C ASP C 107 -8.01 -28.40 11.35
N VAL C 108 -8.27 -27.10 11.33
CA VAL C 108 -8.24 -26.27 12.52
C VAL C 108 -9.33 -26.62 13.53
N VAL C 109 -10.55 -26.87 13.06
CA VAL C 109 -11.67 -27.19 13.95
C VAL C 109 -11.38 -28.42 14.81
N ARG C 110 -10.49 -29.30 14.34
CA ARG C 110 -10.11 -30.49 15.09
C ARG C 110 -9.56 -30.14 16.48
N THR D 10 11.98 -17.10 8.27
CA THR D 10 11.70 -15.88 7.47
C THR D 10 11.91 -16.18 5.98
N THR D 11 11.50 -15.25 5.11
CA THR D 11 11.66 -15.41 3.66
C THR D 11 13.05 -14.87 3.33
N ILE D 12 13.85 -15.69 2.65
CA ILE D 12 15.22 -15.30 2.31
C ILE D 12 15.28 -14.40 1.07
N THR D 13 15.32 -13.08 1.32
CA THR D 13 15.39 -12.08 0.27
C THR D 13 16.39 -12.39 -0.84
N LEU D 14 17.62 -12.66 -0.45
CA LEU D 14 18.69 -12.99 -1.38
C LEU D 14 18.19 -13.99 -2.41
N ASN D 15 17.57 -15.06 -1.92
CA ASN D 15 17.03 -16.12 -2.77
C ASN D 15 15.91 -15.63 -3.68
N VAL D 16 15.01 -14.82 -3.12
CA VAL D 16 13.93 -14.29 -3.92
C VAL D 16 14.52 -13.45 -5.06
N LEU D 17 15.52 -12.63 -4.75
CA LEU D 17 16.15 -11.82 -5.79
C LEU D 17 16.84 -12.69 -6.83
N ALA D 18 17.47 -13.77 -6.36
CA ALA D 18 18.16 -14.69 -7.25
C ALA D 18 17.14 -15.27 -8.23
N TRP D 19 15.98 -15.61 -7.68
CA TRP D 19 14.89 -16.18 -8.47
C TRP D 19 14.42 -15.19 -9.53
N LEU D 20 14.14 -13.95 -9.12
CA LEU D 20 13.68 -12.94 -10.07
C LEU D 20 14.70 -12.85 -11.22
N TYR D 21 15.99 -12.96 -10.90
CA TYR D 21 17.01 -12.93 -11.93
C TYR D 21 16.88 -14.15 -12.86
N ALA D 22 16.54 -15.30 -12.30
CA ALA D 22 16.38 -16.51 -13.08
C ALA D 22 15.20 -16.30 -14.04
N ALA D 23 14.18 -15.59 -13.58
CA ALA D 23 13.02 -15.32 -14.43
C ALA D 23 13.42 -14.45 -15.62
N VAL D 24 14.22 -13.42 -15.36
CA VAL D 24 14.66 -12.53 -16.43
C VAL D 24 15.54 -13.31 -17.40
N ILE D 25 16.45 -14.11 -16.86
CA ILE D 25 17.34 -14.92 -17.70
C ILE D 25 16.47 -15.84 -18.57
N ASN D 26 15.31 -16.21 -18.05
CA ASN D 26 14.39 -17.07 -18.77
C ASN D 26 13.37 -16.35 -19.66
N GLY D 27 13.43 -15.02 -19.70
CA GLY D 27 12.51 -14.28 -20.55
C GLY D 27 11.49 -13.36 -19.89
N ASP D 28 11.36 -13.43 -18.57
CA ASP D 28 10.39 -12.55 -17.91
C ASP D 28 10.83 -11.09 -18.01
N ARG D 29 9.86 -10.18 -18.17
CA ARG D 29 10.15 -8.76 -18.30
C ARG D 29 9.14 -7.85 -17.60
N TRP D 30 7.91 -8.30 -17.45
CA TRP D 30 6.90 -7.43 -16.88
C TRP D 30 7.22 -6.76 -15.56
N PHE D 31 7.71 -7.49 -14.58
CA PHE D 31 8.00 -6.88 -13.29
C PHE D 31 9.17 -5.89 -13.33
N LEU D 32 9.80 -5.74 -14.50
CA LEU D 32 10.91 -4.80 -14.66
C LEU D 32 10.40 -3.48 -15.23
N ASN D 33 9.23 -3.54 -15.85
CA ASN D 33 8.57 -2.37 -16.44
C ASN D 33 7.42 -2.02 -15.51
N ARG D 34 6.92 -0.80 -15.61
CA ARG D 34 5.76 -0.48 -14.81
C ARG D 34 4.70 -1.13 -15.69
N PHE D 35 3.54 -0.51 -15.82
CA PHE D 35 2.51 -1.07 -16.68
C PHE D 35 1.44 -0.06 -17.00
N THR D 36 0.34 -0.56 -17.54
CA THR D 36 -0.78 0.30 -17.86
C THR D 36 -1.83 -0.18 -16.88
N THR D 37 -3.05 0.30 -17.03
CA THR D 37 -4.12 -0.09 -16.14
C THR D 37 -5.42 -0.05 -16.92
N THR D 38 -6.48 -0.47 -16.26
CA THR D 38 -7.83 -0.50 -16.82
C THR D 38 -8.47 0.77 -16.27
N LEU D 39 -9.49 1.28 -16.95
CA LEU D 39 -10.17 2.45 -16.44
C LEU D 39 -10.78 1.94 -15.13
N ASN D 40 -11.22 0.68 -15.18
CA ASN D 40 -11.84 0.03 -14.04
C ASN D 40 -10.94 -0.14 -12.83
N ASP D 41 -9.79 -0.78 -13.03
CA ASP D 41 -8.85 -0.99 -11.94
C ASP D 41 -8.40 0.35 -11.38
N PHE D 42 -8.12 1.30 -12.27
CA PHE D 42 -7.71 2.63 -11.84
C PHE D 42 -8.76 3.26 -10.93
N ASN D 43 -10.03 3.14 -11.31
CA ASN D 43 -11.09 3.72 -10.49
C ASN D 43 -11.23 3.09 -9.11
N LEU D 44 -10.84 1.84 -8.98
CA LEU D 44 -10.91 1.16 -7.69
C LEU D 44 -9.93 1.84 -6.75
N VAL D 45 -8.76 2.18 -7.28
CA VAL D 45 -7.73 2.87 -6.50
C VAL D 45 -8.19 4.30 -6.23
N ALA D 46 -8.68 4.96 -7.28
CA ALA D 46 -9.16 6.33 -7.16
C ALA D 46 -10.11 6.49 -5.99
N MET D 47 -11.14 5.65 -5.92
CA MET D 47 -12.14 5.71 -4.87
C MET D 47 -11.55 5.47 -3.47
N LYS D 48 -10.52 4.63 -3.42
CA LYS D 48 -9.85 4.32 -2.16
C LYS D 48 -9.25 5.61 -1.56
N TYR D 49 -8.82 6.52 -2.43
CA TYR D 49 -8.25 7.77 -1.96
C TYR D 49 -9.15 8.97 -2.24
N ASN D 50 -10.46 8.73 -2.20
CA ASN D 50 -11.46 9.78 -2.42
C ASN D 50 -11.25 10.62 -3.67
N TYR D 51 -10.89 9.96 -4.75
CA TYR D 51 -10.70 10.65 -6.02
C TYR D 51 -11.95 10.39 -6.85
N GLU D 52 -12.37 11.38 -7.61
CA GLU D 52 -13.54 11.26 -8.47
C GLU D 52 -13.31 10.08 -9.42
N PRO D 53 -14.35 9.27 -9.66
CA PRO D 53 -14.10 8.15 -10.57
C PRO D 53 -13.91 8.73 -11.98
N LEU D 54 -12.99 8.15 -12.74
CA LEU D 54 -12.72 8.60 -14.10
C LEU D 54 -13.74 7.94 -15.02
N THR D 55 -14.26 8.68 -15.99
CA THR D 55 -15.25 8.12 -16.91
C THR D 55 -14.64 7.97 -18.30
N GLN D 56 -15.28 7.19 -19.15
CA GLN D 56 -14.80 6.99 -20.50
C GLN D 56 -14.70 8.35 -21.18
N ASP D 57 -15.61 9.25 -20.85
CA ASP D 57 -15.60 10.58 -21.42
C ASP D 57 -14.34 11.34 -21.02
N HIS D 58 -14.01 11.30 -19.74
CA HIS D 58 -12.80 11.98 -19.24
C HIS D 58 -11.59 11.46 -20.00
N VAL D 59 -11.51 10.14 -20.13
CA VAL D 59 -10.41 9.49 -20.83
C VAL D 59 -10.31 10.06 -22.24
N ASP D 60 -11.44 10.07 -22.95
CA ASP D 60 -11.47 10.58 -24.32
C ASP D 60 -11.24 12.09 -24.40
N ILE D 61 -11.53 12.80 -23.31
CA ILE D 61 -11.36 14.26 -23.23
C ILE D 61 -9.86 14.59 -23.13
N LEU D 62 -9.08 13.62 -22.66
CA LEU D 62 -7.64 13.81 -22.51
C LEU D 62 -6.84 13.45 -23.75
N GLY D 63 -7.53 13.02 -24.81
CA GLY D 63 -6.86 12.65 -26.03
C GLY D 63 -5.87 13.69 -26.54
N PRO D 64 -6.21 15.00 -26.55
CA PRO D 64 -5.26 16.01 -27.04
C PRO D 64 -3.88 15.91 -26.37
N LEU D 65 -3.87 15.99 -25.05
CA LEU D 65 -2.64 15.91 -24.26
C LEU D 65 -1.91 14.59 -24.48
N SER D 66 -2.66 13.52 -24.66
CA SER D 66 -2.04 12.22 -24.88
C SER D 66 -1.30 12.26 -26.22
N ALA D 67 -1.92 12.91 -27.22
CA ALA D 67 -1.33 13.02 -28.55
C ALA D 67 -0.10 13.91 -28.49
N GLN D 68 -0.21 15.01 -27.78
CA GLN D 68 0.90 15.95 -27.68
C GLN D 68 2.12 15.37 -26.96
N THR D 69 1.91 14.48 -25.99
CA THR D 69 3.02 13.93 -25.24
C THR D 69 3.45 12.53 -25.62
N GLY D 70 2.60 11.81 -26.32
CA GLY D 70 2.95 10.45 -26.71
C GLY D 70 2.66 9.45 -25.60
N ILE D 71 2.17 9.95 -24.47
CA ILE D 71 1.85 9.09 -23.34
C ILE D 71 0.36 8.73 -23.31
N ALA D 72 0.04 7.48 -23.64
CA ALA D 72 -1.34 7.03 -23.63
C ALA D 72 -1.98 7.43 -22.30
N VAL D 73 -3.29 7.62 -22.30
CA VAL D 73 -4.00 8.04 -21.09
C VAL D 73 -3.97 6.99 -19.98
N LEU D 74 -4.32 5.76 -20.30
CA LEU D 74 -4.31 4.70 -19.29
C LEU D 74 -2.91 4.50 -18.72
N ASP D 75 -1.89 4.91 -19.47
CA ASP D 75 -0.51 4.84 -19.00
C ASP D 75 -0.30 5.98 -17.99
N MET D 76 -0.93 7.14 -18.21
CA MET D 76 -0.78 8.23 -17.26
C MET D 76 -1.59 7.90 -16.01
N CYS D 77 -2.67 7.13 -16.21
CA CYS D 77 -3.52 6.68 -15.11
C CYS D 77 -2.75 5.68 -14.25
N ALA D 78 -1.92 4.86 -14.89
CA ALA D 78 -1.13 3.87 -14.16
C ALA D 78 -0.09 4.61 -13.32
N ALA D 79 0.47 5.66 -13.89
CA ALA D 79 1.46 6.44 -13.17
C ALA D 79 0.79 7.07 -11.94
N LEU D 80 -0.41 7.61 -12.13
CA LEU D 80 -1.16 8.25 -11.06
C LEU D 80 -1.48 7.23 -9.98
N LYS D 81 -2.00 6.08 -10.41
CA LYS D 81 -2.35 4.99 -9.52
C LYS D 81 -1.13 4.65 -8.68
N GLU D 82 0.03 4.61 -9.32
CA GLU D 82 1.29 4.32 -8.66
C GLU D 82 1.62 5.39 -7.62
N LEU D 83 1.43 6.65 -7.99
CA LEU D 83 1.69 7.77 -7.07
C LEU D 83 0.75 7.75 -5.87
N LEU D 84 -0.50 7.40 -6.09
CA LEU D 84 -1.47 7.37 -5.00
C LEU D 84 -1.17 6.27 -3.98
N GLN D 85 -0.79 5.08 -4.48
CA GLN D 85 -0.49 3.99 -3.57
C GLN D 85 0.83 4.10 -2.83
N ASN D 86 1.89 4.49 -3.53
CA ASN D 86 3.19 4.54 -2.87
C ASN D 86 3.79 5.90 -2.57
N GLY D 87 3.04 6.96 -2.84
CA GLY D 87 3.52 8.29 -2.56
C GLY D 87 4.56 8.82 -3.52
N MET D 88 4.96 10.06 -3.27
CA MET D 88 5.94 10.72 -4.11
C MET D 88 7.34 10.65 -3.51
N ASN D 89 7.41 10.22 -2.26
CA ASN D 89 8.68 10.04 -1.55
C ASN D 89 9.69 11.18 -1.53
N GLY D 90 9.25 12.39 -1.18
CA GLY D 90 10.19 13.49 -1.16
C GLY D 90 10.31 14.15 -2.51
N ARG D 91 9.99 13.42 -3.57
CA ARG D 91 10.07 14.00 -4.90
C ARG D 91 8.89 14.95 -5.13
N THR D 92 9.08 15.96 -6.00
CA THR D 92 8.02 16.92 -6.30
C THR D 92 7.65 16.82 -7.78
N ILE D 93 6.58 17.50 -8.17
CA ILE D 93 6.13 17.53 -9.55
C ILE D 93 5.89 19.01 -9.86
N LEU D 94 6.60 19.53 -10.87
CA LEU D 94 6.49 20.94 -11.23
C LEU D 94 6.72 21.77 -9.97
N GLY D 95 7.66 21.31 -9.15
CA GLY D 95 7.99 22.00 -7.92
C GLY D 95 7.02 21.77 -6.75
N SER D 96 5.87 21.17 -7.03
CA SER D 96 4.86 20.92 -5.99
C SER D 96 5.06 19.59 -5.26
N THR D 97 4.73 19.59 -3.97
CA THR D 97 4.85 18.41 -3.12
C THR D 97 3.55 17.60 -3.09
N ILE D 98 2.49 18.15 -3.69
CA ILE D 98 1.21 17.45 -3.73
C ILE D 98 0.68 17.39 -5.14
N LEU D 99 -0.26 16.46 -5.39
CA LEU D 99 -0.86 16.33 -6.72
C LEU D 99 -1.92 17.42 -6.87
N GLU D 100 -1.61 18.42 -7.70
CA GLU D 100 -2.51 19.56 -7.93
C GLU D 100 -3.75 19.24 -8.77
N ASP D 101 -4.92 19.64 -8.28
CA ASP D 101 -6.17 19.37 -9.00
C ASP D 101 -6.95 20.62 -9.43
N GLU D 102 -6.40 21.81 -9.17
CA GLU D 102 -7.11 23.03 -9.53
C GLU D 102 -7.04 23.42 -11.01
N PHE D 103 -6.28 22.67 -11.81
CA PHE D 103 -6.18 22.98 -13.24
C PHE D 103 -6.87 21.92 -14.09
N THR D 104 -7.68 22.39 -15.05
CA THR D 104 -8.43 21.50 -15.93
C THR D 104 -7.66 21.21 -17.21
N PRO D 105 -8.08 20.18 -17.97
CA PRO D 105 -7.40 19.85 -19.22
C PRO D 105 -7.32 21.11 -20.07
N PHE D 106 -8.40 21.88 -20.03
CA PHE D 106 -8.50 23.12 -20.78
C PHE D 106 -7.48 24.15 -20.30
N ASP D 107 -7.09 24.06 -19.03
CA ASP D 107 -6.12 24.98 -18.45
C ASP D 107 -4.69 24.71 -18.92
N VAL D 108 -4.34 23.43 -19.06
CA VAL D 108 -2.99 23.06 -19.47
C VAL D 108 -2.76 23.18 -20.98
N VAL D 109 -3.80 22.95 -21.77
CA VAL D 109 -3.71 23.05 -23.23
C VAL D 109 -3.28 24.47 -23.59
N ARG D 110 -3.60 25.41 -22.72
CA ARG D 110 -3.27 26.81 -22.89
C ARG D 110 -1.94 27.12 -22.20
#